data_2FV5
#
_entry.id   2FV5
#
_cell.length_a   74.614
_cell.length_b   75.696
_cell.length_c   103.258
_cell.angle_alpha   90
_cell.angle_beta   90
_cell.angle_gamma   90
#
_symmetry.space_group_name_H-M   'P 21 21 21'
#
loop_
_entity.id
_entity.type
_entity.pdbx_description
1 polymer 'ADAM 17'
2 non-polymer 'ZINC ION'
3 non-polymer (2R)-N-HYDROXY-2-[(3S)-3-METHYL-3-{4-[(2-METHYLQUINOLIN-4-YL)METHOXY]PHENYL}-2-OXOPYRROLIDIN-1-YL]PROPANAMIDE
4 water water
#
_entity_poly.entity_id   1
_entity_poly.type   'polypeptide(L)'
_entity_poly.pdbx_seq_one_letter_code
;ADPDPMKNTCKLLVVADHRFYRYMGRGEESTTTNYLIELIDRVDDIYRNTAWDNAGFKGYGIQIEQIRILKSPQEVKPGE
KHYNMAKSYPNEEKDAWDVKMLLEQFSFDIAEEASKVCLAHLFTYQDFDMGTLGLAYGGSPRANSHGGVCPKAYYSPVGK
KNIYLNSGLTSTKNYGKTILTKEADLVTTHELGHNFGAEHDPDGLAECAPNEDQGGKYVMYPIAVSGDHENNKMFSQCSK
QSIYKTIESKAQECFQERSNA
;
_entity_poly.pdbx_strand_id   A,B
#
loop_
_chem_comp.id
_chem_comp.type
_chem_comp.name
_chem_comp.formula
541 non-polymer (2R)-N-HYDROXY-2-[(3S)-3-METHYL-3-{4-[(2-METHYLQUINOLIN-4-YL)METHOXY]PHENYL}-2-OXOPYRROLIDIN-1-YL]PROPANAMIDE 'C25 H27 N3 O4'
ZN non-polymer 'ZINC ION' 'Zn 2'
#
# COMPACT_ATOMS: atom_id res chain seq x y z
N ALA A 1 -0.51 -1.72 -3.79
CA ALA A 1 0.66 -1.26 -2.98
C ALA A 1 1.76 -2.31 -2.92
N ASP A 2 2.79 -2.03 -2.13
CA ASP A 2 3.94 -2.93 -2.00
C ASP A 2 4.60 -2.91 -3.38
N PRO A 3 5.50 -1.95 -3.63
CA PRO A 3 6.21 -1.77 -4.90
C PRO A 3 7.19 -2.84 -5.38
N ASP A 4 7.09 -3.13 -6.67
CA ASP A 4 7.95 -4.09 -7.34
C ASP A 4 9.36 -3.52 -7.32
N PRO A 5 10.33 -4.25 -6.77
CA PRO A 5 11.70 -3.74 -6.72
C PRO A 5 12.45 -3.94 -8.03
N MET A 6 11.81 -4.62 -8.97
CA MET A 6 12.39 -4.87 -10.28
C MET A 6 11.87 -3.78 -11.21
N LYS A 7 10.86 -3.05 -10.73
CA LYS A 7 10.25 -1.99 -11.52
C LYS A 7 9.85 -0.82 -10.63
N ASN A 8 10.83 -0.15 -10.03
CA ASN A 8 10.53 0.97 -9.17
C ASN A 8 11.30 2.23 -9.51
N THR A 9 11.99 2.23 -10.65
CA THR A 9 12.79 3.39 -11.04
C THR A 9 12.53 3.81 -12.49
N CYS A 10 12.26 5.10 -12.67
CA CYS A 10 12.01 5.68 -13.98
C CYS A 10 13.36 6.19 -14.48
N LYS A 11 13.94 5.49 -15.45
CA LYS A 11 15.24 5.88 -15.99
C LYS A 11 15.06 7.07 -16.92
N LEU A 12 15.98 8.02 -16.83
CA LEU A 12 15.88 9.23 -17.62
C LEU A 12 16.94 9.42 -18.68
N LEU A 13 16.56 10.12 -19.73
CA LEU A 13 17.48 10.51 -20.77
C LEU A 13 17.56 11.99 -20.43
N VAL A 14 18.72 12.43 -19.97
CA VAL A 14 18.93 13.82 -19.62
C VAL A 14 19.71 14.49 -20.72
N VAL A 15 19.18 15.61 -21.21
CA VAL A 15 19.86 16.33 -22.28
C VAL A 15 20.23 17.75 -21.87
N ALA A 16 21.50 18.09 -22.08
CA ALA A 16 22.00 19.43 -21.78
C ALA A 16 22.28 20.10 -23.13
N ASP A 17 21.52 21.14 -23.47
CA ASP A 17 21.76 21.80 -24.75
C ASP A 17 23.01 22.67 -24.67
N HIS A 18 23.38 23.30 -25.78
CA HIS A 18 24.61 24.11 -25.81
C HIS A 18 24.58 25.30 -24.85
N ARG A 19 23.40 25.82 -24.55
CA ARG A 19 23.31 26.96 -23.64
C ARG A 19 23.66 26.50 -22.23
N PHE A 20 23.12 25.35 -21.83
CA PHE A 20 23.41 24.82 -20.51
C PHE A 20 24.90 24.47 -20.38
N TYR A 21 25.44 23.87 -21.44
CA TYR A 21 26.84 23.47 -21.47
C TYR A 21 27.77 24.66 -21.27
N ARG A 22 27.47 25.75 -21.96
CA ARG A 22 28.28 26.96 -21.90
C ARG A 22 28.13 27.80 -20.62
N TYR A 23 26.91 27.98 -20.16
CA TYR A 23 26.69 28.82 -18.99
C TYR A 23 26.58 28.12 -17.64
N MET A 24 26.24 26.82 -17.63
CA MET A 24 26.17 26.09 -16.38
C MET A 24 27.38 25.16 -16.29
N GLY A 25 27.75 24.56 -17.43
CA GLY A 25 28.88 23.65 -17.45
C GLY A 25 30.24 24.31 -17.64
N ARG A 26 30.26 25.64 -17.82
CA ARG A 26 31.51 26.36 -18.02
C ARG A 26 32.25 25.80 -19.23
N GLY A 27 31.50 25.25 -20.17
CA GLY A 27 32.09 24.68 -21.36
C GLY A 27 32.88 23.42 -21.06
N GLU A 28 32.55 22.73 -19.97
CA GLU A 28 33.24 21.49 -19.58
C GLU A 28 32.25 20.36 -19.34
N GLU A 29 32.57 19.17 -19.82
CA GLU A 29 31.69 18.02 -19.63
C GLU A 29 31.54 17.62 -18.17
N SER A 30 32.66 17.51 -17.46
CA SER A 30 32.64 17.11 -16.07
C SER A 30 31.73 18.00 -15.23
N THR A 31 31.94 19.31 -15.34
CA THR A 31 31.14 20.28 -14.60
C THR A 31 29.67 20.13 -15.01
N THR A 32 29.42 19.98 -16.31
CA THR A 32 28.06 19.83 -16.81
C THR A 32 27.37 18.60 -16.25
N THR A 33 28.02 17.46 -16.37
CA THR A 33 27.43 16.21 -15.90
C THR A 33 27.33 16.17 -14.37
N ASN A 34 28.34 16.67 -13.65
CA ASN A 34 28.29 16.67 -12.18
C ASN A 34 27.08 17.43 -11.64
N TYR A 35 26.78 18.57 -12.25
CA TYR A 35 25.64 19.36 -11.82
C TYR A 35 24.35 18.55 -11.96
N LEU A 36 24.14 17.99 -13.15
CA LEU A 36 22.94 17.21 -13.44
C LEU A 36 22.84 15.95 -12.58
N ILE A 37 23.96 15.26 -12.39
CA ILE A 37 23.95 14.06 -11.59
C ILE A 37 23.52 14.38 -10.16
N GLU A 38 24.10 15.42 -9.58
CA GLU A 38 23.73 15.78 -8.21
C GLU A 38 22.32 16.30 -8.10
N LEU A 39 21.85 17.04 -9.10
CA LEU A 39 20.49 17.55 -9.09
C LEU A 39 19.49 16.39 -9.10
N ILE A 40 19.60 15.51 -10.09
CA ILE A 40 18.69 14.36 -10.20
C ILE A 40 18.72 13.51 -8.93
N ASP A 41 19.90 13.34 -8.33
CA ASP A 41 20.00 12.58 -7.09
C ASP A 41 19.21 13.26 -5.98
N ARG A 42 19.36 14.57 -5.81
CA ARG A 42 18.61 15.26 -4.76
C ARG A 42 17.10 15.17 -5.02
N VAL A 43 16.70 15.24 -6.28
CA VAL A 43 15.29 15.13 -6.63
C VAL A 43 14.84 13.70 -6.33
N ASP A 44 15.69 12.74 -6.68
CA ASP A 44 15.39 11.33 -6.44
C ASP A 44 15.11 11.13 -4.95
N ASP A 45 15.87 11.78 -4.07
CA ASP A 45 15.63 11.64 -2.63
C ASP A 45 14.20 12.02 -2.24
N ILE A 46 13.66 13.06 -2.89
CA ILE A 46 12.30 13.49 -2.60
C ILE A 46 11.30 12.42 -3.04
N TYR A 47 11.43 11.95 -4.27
CA TYR A 47 10.53 10.92 -4.78
C TYR A 47 10.58 9.64 -3.96
N ARG A 48 11.79 9.11 -3.74
CA ARG A 48 11.99 7.87 -2.99
C ARG A 48 11.37 7.86 -1.60
N ASN A 49 11.54 8.96 -0.84
CA ASN A 49 11.00 9.04 0.50
C ASN A 49 9.52 9.38 0.55
N THR A 50 8.87 9.50 -0.60
CA THR A 50 7.46 9.84 -0.63
C THR A 50 6.56 8.60 -0.62
N ALA A 51 5.65 8.56 0.35
CA ALA A 51 4.70 7.47 0.48
C ALA A 51 3.45 7.92 -0.25
N TRP A 52 3.26 7.47 -1.48
CA TRP A 52 2.13 7.86 -2.30
C TRP A 52 0.76 7.55 -1.71
N ASP A 53 0.71 6.62 -0.76
CA ASP A 53 -0.54 6.24 -0.10
C ASP A 53 -0.46 6.51 1.40
N ASN A 54 0.58 7.24 1.81
CA ASN A 54 0.78 7.59 3.22
C ASN A 54 1.02 6.36 4.08
N ALA A 55 1.26 5.22 3.44
CA ALA A 55 1.53 3.99 4.14
C ALA A 55 2.98 3.62 3.89
N GLY A 56 3.19 2.46 3.28
CA GLY A 56 4.54 2.02 3.00
C GLY A 56 4.77 1.99 1.50
N PHE A 57 3.86 2.60 0.76
CA PHE A 57 3.99 2.62 -0.68
C PHE A 57 4.95 3.74 -1.12
N LYS A 58 6.24 3.48 -0.92
CA LYS A 58 7.28 4.44 -1.29
C LYS A 58 8.42 3.65 -1.93
N GLY A 59 9.51 4.34 -2.24
CA GLY A 59 10.62 3.65 -2.87
C GLY A 59 10.70 3.89 -4.36
N TYR A 60 9.75 4.65 -4.91
CA TYR A 60 9.78 4.95 -6.34
C TYR A 60 10.63 6.19 -6.57
N GLY A 61 11.56 6.10 -7.50
CA GLY A 61 12.42 7.24 -7.79
C GLY A 61 12.81 7.37 -9.24
N ILE A 62 13.89 8.10 -9.48
CA ILE A 62 14.38 8.30 -10.82
C ILE A 62 15.90 8.21 -10.82
N GLN A 63 16.44 7.75 -11.95
CA GLN A 63 17.89 7.63 -12.10
C GLN A 63 18.21 7.93 -13.55
N ILE A 64 19.38 8.49 -13.77
CA ILE A 64 19.83 8.83 -15.11
C ILE A 64 20.38 7.61 -15.82
N GLU A 65 19.92 7.40 -17.06
CA GLU A 65 20.38 6.28 -17.86
C GLU A 65 21.46 6.80 -18.80
N GLN A 66 21.22 7.99 -19.31
CA GLN A 66 22.15 8.60 -20.26
C GLN A 66 22.05 10.12 -20.18
N ILE A 67 23.20 10.78 -20.33
CA ILE A 67 23.26 12.23 -20.36
C ILE A 67 23.85 12.62 -21.70
N ARG A 68 23.04 13.27 -22.53
CA ARG A 68 23.49 13.74 -23.82
C ARG A 68 23.97 15.19 -23.60
N ILE A 69 25.18 15.46 -24.06
CA ILE A 69 25.77 16.78 -23.90
C ILE A 69 26.03 17.43 -25.26
N LEU A 70 25.25 18.44 -25.58
CA LEU A 70 25.40 19.15 -26.85
C LEU A 70 26.35 20.32 -26.58
N LYS A 71 27.57 20.18 -27.05
CA LYS A 71 28.61 21.20 -26.83
C LYS A 71 28.47 22.43 -27.70
N SER A 72 27.83 22.27 -28.85
CA SER A 72 27.65 23.41 -29.75
C SER A 72 26.22 23.42 -30.26
N PRO A 73 25.78 24.56 -30.80
CA PRO A 73 24.42 24.68 -31.33
C PRO A 73 24.22 23.85 -32.59
N GLN A 74 23.00 23.36 -32.78
CA GLN A 74 22.67 22.56 -33.95
C GLN A 74 22.55 23.49 -35.16
N GLU A 75 23.40 23.27 -36.16
CA GLU A 75 23.33 24.10 -37.35
C GLU A 75 22.07 23.68 -38.12
N VAL A 76 21.36 24.67 -38.64
CA VAL A 76 20.14 24.41 -39.38
C VAL A 76 20.09 25.16 -40.70
N LYS A 77 19.34 24.61 -41.66
CA LYS A 77 19.18 25.21 -42.98
C LYS A 77 18.12 26.29 -42.83
N PRO A 78 18.14 27.31 -43.69
CA PRO A 78 17.14 28.38 -43.60
C PRO A 78 15.72 27.84 -43.51
N GLY A 79 14.97 28.29 -42.51
CA GLY A 79 13.59 27.83 -42.35
C GLY A 79 13.41 26.57 -41.52
N GLU A 80 14.51 25.93 -41.17
CA GLU A 80 14.48 24.71 -40.36
C GLU A 80 14.81 25.04 -38.91
N LYS A 81 14.16 24.36 -37.98
CA LYS A 81 14.41 24.58 -36.56
C LYS A 81 14.75 23.29 -35.82
N HIS A 82 15.44 23.45 -34.68
CA HIS A 82 15.87 22.33 -33.86
C HIS A 82 16.01 22.92 -32.44
N TYR A 83 15.62 22.15 -31.43
CA TYR A 83 15.67 22.66 -30.06
C TYR A 83 17.04 23.13 -29.62
N ASN A 84 18.10 22.61 -30.23
CA ASN A 84 19.45 23.01 -29.87
C ASN A 84 20.06 24.04 -30.85
N MET A 85 19.23 24.64 -31.70
CA MET A 85 19.77 25.62 -32.62
C MET A 85 20.19 26.89 -31.85
N ALA A 86 21.03 27.70 -32.47
CA ALA A 86 21.54 28.91 -31.82
C ALA A 86 20.49 29.95 -31.50
N LYS A 87 19.59 30.20 -32.46
CA LYS A 87 18.54 31.21 -32.28
C LYS A 87 17.32 30.71 -31.52
N SER A 88 16.67 31.64 -30.82
CA SER A 88 15.45 31.35 -30.08
C SER A 88 14.35 31.33 -31.13
N TYR A 89 13.24 30.68 -30.81
CA TYR A 89 12.10 30.60 -31.72
C TYR A 89 10.84 30.81 -30.89
N PRO A 90 9.83 31.52 -31.42
CA PRO A 90 9.77 32.16 -32.74
C PRO A 90 10.41 33.54 -32.88
N ASN A 91 10.82 34.15 -31.77
CA ASN A 91 11.44 35.47 -31.83
C ASN A 91 12.94 35.37 -31.59
N GLU A 92 13.72 35.41 -32.66
CA GLU A 92 15.17 35.30 -32.54
C GLU A 92 15.82 36.46 -31.81
N GLU A 93 15.06 37.54 -31.59
CA GLU A 93 15.61 38.68 -30.88
C GLU A 93 15.48 38.50 -29.35
N LYS A 94 14.68 37.54 -28.92
CA LYS A 94 14.51 37.26 -27.50
C LYS A 94 15.60 36.30 -27.03
N ASP A 95 15.86 36.29 -25.73
CA ASP A 95 16.88 35.42 -25.15
C ASP A 95 16.45 33.95 -25.17
N ALA A 96 15.14 33.72 -25.14
CA ALA A 96 14.62 32.37 -25.09
C ALA A 96 13.48 32.07 -26.06
N TRP A 97 13.23 30.78 -26.22
CA TRP A 97 12.16 30.25 -27.06
C TRP A 97 10.86 30.48 -26.32
N ASP A 98 9.74 30.30 -27.03
CA ASP A 98 8.44 30.35 -26.38
C ASP A 98 8.56 28.97 -25.70
N VAL A 99 8.33 28.89 -24.40
CA VAL A 99 8.52 27.63 -23.69
C VAL A 99 7.71 26.43 -24.20
N LYS A 100 6.45 26.64 -24.57
CA LYS A 100 5.61 25.54 -25.05
C LYS A 100 6.14 25.02 -26.38
N MET A 101 6.53 25.93 -27.27
CA MET A 101 7.07 25.53 -28.56
C MET A 101 8.40 24.81 -28.39
N LEU A 102 9.19 25.20 -27.40
CA LEU A 102 10.49 24.55 -27.17
C LEU A 102 10.29 23.10 -26.70
N LEU A 103 9.35 22.89 -25.79
CA LEU A 103 9.06 21.55 -25.29
C LEU A 103 8.58 20.66 -26.44
N GLU A 104 7.74 21.22 -27.32
CA GLU A 104 7.21 20.49 -28.47
C GLU A 104 8.36 20.15 -29.40
N GLN A 105 9.24 21.12 -29.64
CA GLN A 105 10.37 20.92 -30.53
C GLN A 105 11.33 19.86 -29.99
N PHE A 106 11.56 19.91 -28.68
CA PHE A 106 12.46 18.95 -28.05
C PHE A 106 11.92 17.53 -28.26
N SER A 107 10.63 17.35 -27.98
CA SER A 107 9.96 16.06 -28.11
C SER A 107 10.07 15.53 -29.53
N PHE A 108 9.91 16.42 -30.50
CA PHE A 108 9.98 16.04 -31.90
C PHE A 108 11.38 15.55 -32.23
N ASP A 109 12.38 16.38 -31.91
CA ASP A 109 13.77 16.06 -32.20
C ASP A 109 14.35 14.81 -31.53
N ILE A 110 13.92 14.48 -30.32
CA ILE A 110 14.47 13.30 -29.65
C ILE A 110 13.49 12.14 -29.55
N ALA A 111 12.44 12.20 -30.38
CA ALA A 111 11.41 11.18 -30.40
C ALA A 111 11.95 9.76 -30.41
N GLU A 112 12.94 9.51 -31.25
CA GLU A 112 13.52 8.17 -31.36
C GLU A 112 14.13 7.72 -30.02
N GLU A 113 14.89 8.62 -29.40
CA GLU A 113 15.51 8.30 -28.11
C GLU A 113 14.45 8.17 -27.02
N ALA A 114 13.45 9.05 -27.04
CA ALA A 114 12.39 9.04 -26.03
C ALA A 114 11.55 7.77 -26.03
N SER A 115 11.42 7.14 -27.20
CA SER A 115 10.63 5.92 -27.29
C SER A 115 11.22 4.78 -26.48
N LYS A 116 12.50 4.89 -26.13
CA LYS A 116 13.18 3.83 -25.38
C LYS A 116 13.44 4.11 -23.90
N VAL A 117 12.95 5.22 -23.37
CA VAL A 117 13.16 5.54 -21.96
C VAL A 117 11.86 5.94 -21.27
N CYS A 118 11.86 5.89 -19.94
CA CYS A 118 10.69 6.27 -19.16
C CYS A 118 10.42 7.77 -19.34
N LEU A 119 11.48 8.58 -19.30
CA LEU A 119 11.35 10.03 -19.47
C LEU A 119 12.59 10.63 -20.09
N ALA A 120 12.39 11.76 -20.76
CA ALA A 120 13.47 12.51 -21.37
C ALA A 120 13.28 13.92 -20.78
N HIS A 121 14.36 14.54 -20.32
CA HIS A 121 14.26 15.88 -19.75
C HIS A 121 15.37 16.78 -20.29
N LEU A 122 14.97 17.93 -20.81
CA LEU A 122 15.92 18.89 -21.34
C LEU A 122 16.30 19.93 -20.30
N PHE A 123 17.60 20.16 -20.15
CA PHE A 123 18.12 21.17 -19.23
C PHE A 123 18.74 22.23 -20.12
N THR A 124 18.26 23.47 -19.99
CA THR A 124 18.75 24.55 -20.81
C THR A 124 19.05 25.78 -19.95
N TYR A 125 19.49 26.86 -20.60
CA TYR A 125 19.82 28.09 -19.90
C TYR A 125 19.36 29.25 -20.76
N GLN A 126 18.09 29.62 -20.60
CA GLN A 126 17.52 30.74 -21.34
C GLN A 126 16.41 31.33 -20.49
N ASP A 127 16.30 32.65 -20.57
CA ASP A 127 15.34 33.41 -19.79
C ASP A 127 13.96 33.44 -20.39
N PHE A 128 13.12 32.46 -20.04
CA PHE A 128 11.75 32.43 -20.54
C PHE A 128 11.03 33.67 -20.04
N ASP A 129 10.09 34.15 -20.84
CA ASP A 129 9.34 35.35 -20.49
C ASP A 129 8.48 35.17 -19.23
N MET A 130 8.34 36.27 -18.51
CA MET A 130 7.52 36.34 -17.29
C MET A 130 7.82 35.36 -16.15
N GLY A 131 9.08 35.01 -15.97
CA GLY A 131 9.45 34.14 -14.87
C GLY A 131 9.25 32.63 -14.99
N THR A 132 8.84 32.16 -16.17
CA THR A 132 8.65 30.72 -16.36
C THR A 132 9.96 29.99 -16.19
N LEU A 133 9.93 28.93 -15.40
CA LEU A 133 11.11 28.12 -15.11
C LEU A 133 11.16 26.77 -15.83
N GLY A 134 9.99 26.17 -16.07
CA GLY A 134 9.98 24.87 -16.72
C GLY A 134 8.61 24.49 -17.26
N LEU A 135 8.55 23.34 -17.92
CA LEU A 135 7.32 22.85 -18.52
C LEU A 135 7.43 21.32 -18.71
N ALA A 136 6.29 20.63 -18.72
CA ALA A 136 6.28 19.18 -18.89
C ALA A 136 4.91 18.68 -19.31
N TYR A 137 4.87 17.49 -19.90
CA TYR A 137 3.60 16.89 -20.31
C TYR A 137 3.10 16.03 -19.15
N GLY A 138 1.77 15.91 -19.04
CA GLY A 138 1.16 15.14 -17.97
C GLY A 138 0.77 16.08 -16.86
N GLY A 139 -0.22 15.70 -16.06
CA GLY A 139 -0.65 16.55 -14.97
C GLY A 139 -1.22 17.88 -15.42
N SER A 140 -1.86 17.88 -16.59
CA SER A 140 -2.46 19.09 -17.14
C SER A 140 -3.98 18.97 -17.18
N PRO A 141 -4.69 19.96 -16.63
CA PRO A 141 -6.16 19.93 -16.63
C PRO A 141 -6.74 20.22 -18.01
N ARG A 142 -5.92 20.80 -18.89
CA ARG A 142 -6.34 21.13 -20.24
C ARG A 142 -6.95 19.91 -20.94
N ALA A 143 -7.98 20.15 -21.75
CA ALA A 143 -8.65 19.08 -22.47
C ALA A 143 -7.74 18.51 -23.57
N ASN A 144 -7.97 17.24 -23.92
CA ASN A 144 -7.21 16.55 -24.95
C ASN A 144 -5.70 16.42 -24.65
N SER A 145 -5.25 16.98 -23.54
CA SER A 145 -3.83 16.91 -23.20
C SER A 145 -3.47 15.61 -22.47
N HIS A 146 -2.27 15.10 -22.75
CA HIS A 146 -1.79 13.86 -22.13
C HIS A 146 -0.27 13.90 -22.00
N GLY A 147 0.33 12.78 -21.61
CA GLY A 147 1.77 12.70 -21.49
C GLY A 147 2.27 12.29 -20.12
N GLY A 148 3.59 12.19 -19.96
CA GLY A 148 4.14 11.79 -18.68
C GLY A 148 5.00 10.54 -18.78
N VAL A 149 5.26 9.90 -17.64
CA VAL A 149 6.09 8.70 -17.61
C VAL A 149 5.65 7.65 -18.62
N CYS A 150 6.63 7.00 -19.25
CA CYS A 150 6.40 5.97 -20.26
C CYS A 150 5.95 6.63 -21.57
N PRO A 151 6.71 6.38 -22.65
CA PRO A 151 6.46 6.93 -23.98
C PRO A 151 5.00 6.77 -24.41
N LYS A 152 4.37 7.88 -24.75
CA LYS A 152 3.00 7.88 -25.23
C LYS A 152 3.07 8.58 -26.58
N ALA A 153 2.63 7.89 -27.62
CA ALA A 153 2.69 8.43 -28.97
C ALA A 153 1.61 9.47 -29.27
N TYR A 154 2.01 10.44 -30.09
CA TYR A 154 1.10 11.47 -30.54
C TYR A 154 1.54 11.76 -31.96
N TYR A 155 0.64 11.55 -32.92
CA TYR A 155 1.01 11.80 -34.30
C TYR A 155 0.94 13.31 -34.53
N SER A 156 2.07 13.89 -34.91
CA SER A 156 2.12 15.33 -35.16
C SER A 156 1.75 15.62 -36.61
N PRO A 157 0.58 16.23 -36.82
CA PRO A 157 0.11 16.56 -38.18
C PRO A 157 1.14 17.45 -38.89
N VAL A 158 1.75 18.37 -38.15
CA VAL A 158 2.75 19.27 -38.70
C VAL A 158 4.09 18.55 -38.88
N GLY A 159 4.47 17.74 -37.90
CA GLY A 159 5.74 17.02 -37.97
C GLY A 159 5.72 15.76 -38.85
N LYS A 160 4.54 15.30 -39.21
CA LYS A 160 4.38 14.12 -40.05
C LYS A 160 4.95 12.82 -39.48
N LYS A 161 5.10 12.75 -38.16
CA LYS A 161 5.61 11.54 -37.52
C LYS A 161 5.13 11.49 -36.08
N ASN A 162 5.36 10.35 -35.43
CA ASN A 162 4.99 10.21 -34.03
C ASN A 162 6.08 10.78 -33.14
N ILE A 163 5.67 11.54 -32.14
CA ILE A 163 6.57 12.10 -31.15
C ILE A 163 6.02 11.49 -29.86
N TYR A 164 6.78 11.54 -28.77
CA TYR A 164 6.29 10.96 -27.52
C TYR A 164 6.17 12.01 -26.44
N LEU A 165 5.13 11.90 -25.62
CA LEU A 165 4.86 12.87 -24.56
C LEU A 165 5.49 12.60 -23.20
N ASN A 166 6.57 11.82 -23.17
CA ASN A 166 7.22 11.50 -21.92
C ASN A 166 8.42 12.45 -21.81
N SER A 167 8.14 13.75 -21.85
CA SER A 167 9.17 14.77 -21.80
C SER A 167 8.84 15.97 -20.92
N GLY A 168 9.85 16.79 -20.67
CA GLY A 168 9.71 17.97 -19.85
C GLY A 168 11.03 18.71 -19.96
N LEU A 169 11.10 19.94 -19.43
CA LEU A 169 12.34 20.70 -19.52
C LEU A 169 12.51 21.65 -18.35
N THR A 170 13.76 21.98 -18.06
CA THR A 170 14.11 22.89 -16.98
C THR A 170 15.16 23.91 -17.43
N SER A 171 14.96 25.17 -17.04
CA SER A 171 15.92 26.21 -17.34
C SER A 171 16.47 26.70 -16.01
N THR A 172 17.79 26.88 -15.92
CA THR A 172 18.39 27.33 -14.68
C THR A 172 18.75 28.81 -14.73
N LYS A 173 18.10 29.53 -15.66
CA LYS A 173 18.28 30.95 -15.81
C LYS A 173 16.92 31.62 -15.69
N ASN A 174 16.84 32.68 -14.91
CA ASN A 174 15.59 33.42 -14.74
C ASN A 174 15.90 34.87 -14.34
N TYR A 175 15.34 35.82 -15.07
CA TYR A 175 15.59 37.23 -14.79
C TYR A 175 17.07 37.58 -14.79
N GLY A 176 17.75 37.24 -15.88
CA GLY A 176 19.16 37.57 -16.03
C GLY A 176 20.18 36.98 -15.07
N LYS A 177 19.81 35.95 -14.32
CA LYS A 177 20.77 35.35 -13.39
C LYS A 177 20.55 33.84 -13.25
N THR A 178 21.63 33.14 -12.91
CA THR A 178 21.55 31.71 -12.68
C THR A 178 20.78 31.51 -11.38
N ILE A 179 19.74 30.69 -11.41
CA ILE A 179 18.93 30.44 -10.21
C ILE A 179 19.75 29.58 -9.21
N LEU A 180 19.36 29.64 -7.93
CA LEU A 180 20.04 28.87 -6.89
C LEU A 180 19.86 27.38 -7.14
N THR A 181 20.81 26.58 -6.68
CA THR A 181 20.68 25.14 -6.86
C THR A 181 19.42 24.68 -6.09
N LYS A 182 19.14 25.30 -4.95
CA LYS A 182 17.96 24.89 -4.17
C LYS A 182 16.67 25.23 -4.92
N GLU A 183 16.75 26.19 -5.84
CA GLU A 183 15.57 26.54 -6.63
C GLU A 183 15.49 25.60 -7.84
N ALA A 184 16.64 25.25 -8.40
CA ALA A 184 16.67 24.35 -9.56
C ALA A 184 16.04 23.02 -9.17
N ASP A 185 16.43 22.52 -8.00
CA ASP A 185 15.90 21.26 -7.50
C ASP A 185 14.37 21.25 -7.50
N LEU A 186 13.78 22.35 -7.05
CA LEU A 186 12.32 22.45 -6.99
C LEU A 186 11.66 22.49 -8.35
N VAL A 187 12.29 23.14 -9.32
CA VAL A 187 11.73 23.22 -10.66
C VAL A 187 11.64 21.82 -11.28
N THR A 188 12.77 21.13 -11.34
CA THR A 188 12.83 19.79 -11.92
C THR A 188 11.88 18.86 -11.17
N THR A 189 11.82 18.98 -9.85
CA THR A 189 10.91 18.15 -9.07
C THR A 189 9.49 18.43 -9.53
N HIS A 190 9.16 19.72 -9.68
CA HIS A 190 7.84 20.16 -10.14
C HIS A 190 7.47 19.58 -11.50
N GLU A 191 8.36 19.76 -12.48
CA GLU A 191 8.11 19.26 -13.83
C GLU A 191 8.00 17.73 -13.86
N LEU A 192 8.88 17.05 -13.14
CA LEU A 192 8.81 15.59 -13.12
C LEU A 192 7.51 15.22 -12.40
N GLY A 193 7.00 16.13 -11.57
CA GLY A 193 5.77 15.88 -10.86
C GLY A 193 4.64 15.75 -11.86
N HIS A 194 4.64 16.66 -12.85
CA HIS A 194 3.62 16.61 -13.90
C HIS A 194 3.77 15.29 -14.66
N ASN A 195 5.02 14.91 -14.95
CA ASN A 195 5.28 13.66 -15.67
C ASN A 195 4.69 12.49 -14.89
N PHE A 196 4.81 12.53 -13.57
CA PHE A 196 4.28 11.47 -12.73
C PHE A 196 2.76 11.54 -12.56
N GLY A 197 2.14 12.60 -13.10
CA GLY A 197 0.69 12.71 -13.02
C GLY A 197 0.06 13.79 -12.15
N ALA A 198 0.85 14.57 -11.43
CA ALA A 198 0.30 15.60 -10.55
C ALA A 198 -0.04 16.90 -11.26
N GLU A 199 -1.11 17.54 -10.80
CA GLU A 199 -1.52 18.84 -11.35
C GLU A 199 -1.14 19.88 -10.31
N HIS A 200 -1.30 21.15 -10.64
CA HIS A 200 -0.96 22.22 -9.70
C HIS A 200 -1.86 22.18 -8.46
N ASP A 201 -1.29 22.49 -7.30
CA ASP A 201 -2.08 22.53 -6.07
C ASP A 201 -2.98 23.78 -6.13
N PRO A 202 -4.26 23.61 -5.81
CA PRO A 202 -5.20 24.75 -5.84
C PRO A 202 -5.35 25.43 -4.48
N ASP A 203 -5.54 26.75 -4.49
CA ASP A 203 -5.72 27.49 -3.23
C ASP A 203 -6.96 26.99 -2.51
N GLY A 204 -7.98 26.62 -3.29
CA GLY A 204 -9.23 26.15 -2.74
C GLY A 204 -9.17 24.95 -1.81
N LEU A 205 -8.01 24.29 -1.76
CA LEU A 205 -7.84 23.14 -0.87
C LEU A 205 -6.69 23.44 0.07
N ALA A 206 -7.00 24.08 1.19
CA ALA A 206 -6.00 24.49 2.18
C ALA A 206 -5.01 23.37 2.54
N GLU A 207 -5.49 22.14 2.59
CA GLU A 207 -4.62 21.01 2.92
C GLU A 207 -3.47 20.90 1.92
N CYS A 208 -3.75 21.19 0.66
CA CYS A 208 -2.74 21.10 -0.39
C CYS A 208 -2.04 22.42 -0.71
N ALA A 209 -2.46 23.50 -0.07
CA ALA A 209 -1.85 24.81 -0.28
C ALA A 209 -1.82 25.59 1.03
N PRO A 210 -1.07 25.09 2.03
CA PRO A 210 -0.94 25.71 3.35
C PRO A 210 -0.40 27.13 3.33
N ASN A 211 -0.67 27.88 4.41
CA ASN A 211 -0.19 29.24 4.54
C ASN A 211 1.29 29.15 4.91
N GLU A 212 1.99 30.27 4.79
CA GLU A 212 3.42 30.31 5.11
C GLU A 212 3.69 29.92 6.55
N ASP A 213 2.74 30.19 7.43
CA ASP A 213 2.89 29.86 8.85
C ASP A 213 2.58 28.39 9.15
N GLN A 214 2.18 27.65 8.14
CA GLN A 214 1.86 26.24 8.31
C GLN A 214 2.78 25.37 7.47
N GLY A 215 3.99 25.85 7.22
CA GLY A 215 4.94 25.09 6.43
C GLY A 215 5.07 25.58 4.99
N GLY A 216 4.15 26.46 4.57
CA GLY A 216 4.21 26.98 3.22
C GLY A 216 3.58 26.07 2.17
N LYS A 217 3.81 26.40 0.90
CA LYS A 217 3.27 25.63 -0.21
C LYS A 217 4.09 24.39 -0.54
N TYR A 218 3.48 23.46 -1.24
CA TYR A 218 4.15 22.23 -1.66
C TYR A 218 4.75 22.46 -3.06
N VAL A 219 5.57 21.51 -3.52
CA VAL A 219 6.24 21.65 -4.81
C VAL A 219 5.39 21.82 -6.06
N MET A 220 4.15 21.30 -6.05
CA MET A 220 3.31 21.45 -7.22
C MET A 220 2.51 22.76 -7.26
N TYR A 221 2.77 23.67 -6.33
CA TYR A 221 2.08 24.96 -6.34
C TYR A 221 2.53 25.64 -7.64
N PRO A 222 1.60 26.29 -8.36
CA PRO A 222 1.93 26.95 -9.62
C PRO A 222 2.83 28.18 -9.54
N ILE A 223 3.15 28.66 -8.34
CA ILE A 223 3.99 29.82 -8.20
C ILE A 223 5.27 29.47 -7.43
N ALA A 224 6.39 30.03 -7.86
CA ALA A 224 7.68 29.80 -7.20
C ALA A 224 7.75 30.74 -5.98
N VAL A 225 7.30 30.24 -4.84
CA VAL A 225 7.28 31.04 -3.61
C VAL A 225 8.62 31.34 -2.94
N SER A 226 9.52 30.35 -2.88
CA SER A 226 10.82 30.56 -2.23
C SER A 226 11.73 29.33 -2.26
N GLY A 227 11.32 28.30 -1.51
CA GLY A 227 12.09 27.07 -1.42
C GLY A 227 12.64 27.07 -0.01
N ASP A 228 12.32 28.16 0.68
CA ASP A 228 12.73 28.43 2.05
C ASP A 228 11.88 27.70 3.11
N HIS A 229 10.61 27.44 2.81
CA HIS A 229 9.69 26.79 3.74
C HIS A 229 9.72 25.27 3.70
N GLU A 230 9.35 24.66 4.82
CA GLU A 230 9.37 23.20 4.98
C GLU A 230 8.58 22.35 3.99
N ASN A 231 7.46 22.85 3.49
CA ASN A 231 6.67 22.06 2.56
C ASN A 231 7.14 22.13 1.10
N ASN A 232 7.86 23.19 0.76
CA ASN A 232 8.34 23.41 -0.60
C ASN A 232 8.92 22.17 -1.30
N LYS A 233 9.70 21.38 -0.57
CA LYS A 233 10.32 20.19 -1.14
C LYS A 233 9.53 18.91 -0.92
N MET A 234 8.23 19.04 -0.71
CA MET A 234 7.35 17.88 -0.51
C MET A 234 6.16 17.92 -1.44
N PHE A 235 5.60 16.74 -1.69
CA PHE A 235 4.42 16.62 -2.51
C PHE A 235 3.22 16.66 -1.59
N SER A 236 2.22 17.46 -1.95
CA SER A 236 1.01 17.60 -1.15
C SER A 236 0.21 16.31 -1.23
N GLN A 237 -0.87 16.23 -0.45
CA GLN A 237 -1.73 15.06 -0.47
C GLN A 237 -2.42 14.99 -1.82
N CYS A 238 -2.71 16.15 -2.40
CA CYS A 238 -3.36 16.19 -3.71
C CYS A 238 -2.45 15.56 -4.76
N SER A 239 -1.17 15.95 -4.76
CA SER A 239 -0.21 15.41 -5.71
C SER A 239 -0.07 13.91 -5.52
N LYS A 240 0.08 13.48 -4.26
CA LYS A 240 0.22 12.05 -3.95
C LYS A 240 -0.95 11.23 -4.49
N GLN A 241 -2.16 11.71 -4.28
CA GLN A 241 -3.36 11.01 -4.74
C GLN A 241 -3.40 10.88 -6.26
N SER A 242 -3.08 11.96 -6.96
CA SER A 242 -3.09 11.95 -8.43
C SER A 242 -2.02 11.01 -8.96
N ILE A 243 -0.83 11.08 -8.37
CA ILE A 243 0.29 10.26 -8.79
C ILE A 243 0.10 8.80 -8.44
N TYR A 244 -0.66 8.52 -7.38
CA TYR A 244 -0.89 7.15 -6.94
C TYR A 244 -1.87 6.40 -7.84
N LYS A 245 -2.72 7.13 -8.56
CA LYS A 245 -3.71 6.49 -9.42
C LYS A 245 -3.10 5.66 -10.55
N THR A 246 -2.00 6.16 -11.11
CA THR A 246 -1.36 5.47 -12.24
C THR A 246 0.10 5.06 -12.04
N ILE A 247 0.70 5.40 -10.91
CA ILE A 247 2.10 5.05 -10.71
C ILE A 247 2.39 3.55 -10.85
N GLU A 248 1.57 2.71 -10.22
CA GLU A 248 1.78 1.26 -10.31
C GLU A 248 1.69 0.70 -11.72
N SER A 249 0.62 1.05 -12.42
CA SER A 249 0.44 0.59 -13.79
C SER A 249 1.57 1.12 -14.66
N LYS A 250 1.95 2.39 -14.46
CA LYS A 250 3.04 2.97 -15.24
C LYS A 250 4.34 2.26 -14.92
N ALA A 251 4.58 1.98 -13.65
CA ALA A 251 5.79 1.30 -13.22
C ALA A 251 5.92 -0.03 -13.96
N GLN A 252 4.86 -0.82 -13.96
CA GLN A 252 4.89 -2.10 -14.65
C GLN A 252 5.14 -1.91 -16.14
N GLU A 253 4.64 -0.80 -16.70
CA GLU A 253 4.81 -0.50 -18.11
C GLU A 253 6.25 -0.13 -18.52
N CYS A 254 6.89 0.78 -17.79
CA CYS A 254 8.24 1.18 -18.17
C CYS A 254 9.28 1.43 -17.09
N PHE A 255 8.94 1.20 -15.82
CA PHE A 255 9.93 1.40 -14.76
C PHE A 255 10.88 0.20 -14.69
N GLN A 256 12.10 0.44 -14.23
CA GLN A 256 13.09 -0.61 -14.11
C GLN A 256 13.65 -0.73 -12.70
N GLU A 257 14.56 -1.67 -12.50
CA GLU A 257 15.17 -1.88 -11.20
C GLU A 257 16.23 -0.83 -10.94
N ARG A 258 16.23 -0.29 -9.72
CA ARG A 258 17.21 0.71 -9.34
C ARG A 258 18.63 0.17 -9.42
N SER A 259 19.51 0.89 -10.11
CA SER A 259 20.91 0.50 -10.20
C SER A 259 21.52 1.15 -8.96
N ASN A 260 22.29 0.39 -8.20
CA ASN A 260 22.84 0.93 -6.97
C ASN A 260 23.92 2.00 -7.00
N ALA A 261 23.92 2.76 -5.92
CA ALA A 261 24.86 3.84 -5.67
C ALA A 261 25.19 3.73 -4.18
N PRO B 5 -12.88 -38.34 28.90
CA PRO B 5 -11.96 -37.31 29.43
C PRO B 5 -10.65 -37.39 28.65
N MET B 6 -10.56 -38.38 27.77
CA MET B 6 -9.39 -38.56 26.94
C MET B 6 -9.60 -37.71 25.70
N LYS B 7 -10.86 -37.63 25.28
CA LYS B 7 -11.25 -36.81 24.13
C LYS B 7 -11.29 -35.37 24.63
N ASN B 8 -10.12 -34.74 24.70
CA ASN B 8 -10.00 -33.37 25.22
C ASN B 8 -9.40 -32.35 24.27
N THR B 9 -9.18 -32.75 23.02
CA THR B 9 -8.56 -31.84 22.07
C THR B 9 -9.37 -31.60 20.81
N CYS B 10 -9.52 -30.33 20.45
CA CYS B 10 -10.23 -29.95 19.24
C CYS B 10 -9.15 -29.72 18.19
N LYS B 11 -9.07 -30.63 17.23
CA LYS B 11 -8.09 -30.56 16.16
C LYS B 11 -8.43 -29.42 15.21
N LEU B 12 -7.42 -28.63 14.86
CA LEU B 12 -7.61 -27.48 14.00
C LEU B 12 -7.03 -27.56 12.61
N LEU B 13 -7.71 -26.87 11.70
CA LEU B 13 -7.26 -26.74 10.34
C LEU B 13 -6.92 -25.26 10.29
N VAL B 14 -5.63 -24.94 10.28
CA VAL B 14 -5.21 -23.55 10.22
C VAL B 14 -4.83 -23.16 8.80
N VAL B 15 -5.38 -22.05 8.33
CA VAL B 15 -5.12 -21.56 6.99
C VAL B 15 -4.59 -20.14 7.02
N ALA B 16 -3.54 -19.89 6.24
CA ALA B 16 -2.94 -18.57 6.15
C ALA B 16 -3.08 -18.15 4.70
N ASP B 17 -3.78 -17.05 4.44
CA ASP B 17 -3.96 -16.60 3.06
C ASP B 17 -2.70 -15.91 2.55
N HIS B 18 -2.69 -15.57 1.26
CA HIS B 18 -1.53 -14.92 0.67
C HIS B 18 -1.18 -13.61 1.38
N ARG B 19 -2.19 -12.97 1.98
CA ARG B 19 -1.99 -11.71 2.69
C ARG B 19 -1.15 -11.93 3.96
N PHE B 20 -1.51 -12.94 4.74
CA PHE B 20 -0.79 -13.24 5.97
C PHE B 20 0.62 -13.72 5.65
N TYR B 21 0.71 -14.61 4.66
CA TYR B 21 1.99 -15.18 4.24
C TYR B 21 2.96 -14.08 3.80
N ARG B 22 2.45 -13.09 3.08
CA ARG B 22 3.26 -12.00 2.56
C ARG B 22 3.60 -10.91 3.57
N TYR B 23 2.64 -10.52 4.40
CA TYR B 23 2.88 -9.45 5.36
C TYR B 23 3.19 -9.86 6.81
N MET B 24 3.03 -11.14 7.13
CA MET B 24 3.32 -11.62 8.48
C MET B 24 4.38 -12.70 8.46
N GLY B 25 4.44 -13.46 7.37
CA GLY B 25 5.42 -14.52 7.27
C GLY B 25 6.65 -14.18 6.44
N ARG B 26 6.82 -12.89 6.11
CA ARG B 26 7.96 -12.43 5.33
C ARG B 26 8.03 -13.18 3.99
N GLY B 27 6.87 -13.58 3.49
CA GLY B 27 6.84 -14.31 2.23
C GLY B 27 7.59 -15.63 2.32
N GLU B 28 7.80 -16.11 3.54
CA GLU B 28 8.52 -17.36 3.75
C GLU B 28 7.58 -18.38 4.42
N GLU B 29 7.69 -19.63 4.02
CA GLU B 29 6.84 -20.68 4.57
C GLU B 29 7.17 -20.97 6.03
N SER B 30 8.44 -21.25 6.30
CA SER B 30 8.86 -21.56 7.67
C SER B 30 8.45 -20.47 8.65
N THR B 31 8.67 -19.21 8.28
CA THR B 31 8.32 -18.09 9.15
C THR B 31 6.82 -18.07 9.46
N THR B 32 6.00 -18.19 8.42
CA THR B 32 4.56 -18.19 8.59
C THR B 32 4.11 -19.36 9.46
N THR B 33 4.67 -20.53 9.19
CA THR B 33 4.32 -21.73 9.93
C THR B 33 4.66 -21.60 11.42
N ASN B 34 5.88 -21.19 11.71
CA ASN B 34 6.33 -21.03 13.09
C ASN B 34 5.49 -20.04 13.87
N TYR B 35 5.12 -18.93 13.24
CA TYR B 35 4.31 -17.94 13.92
C TYR B 35 2.99 -18.59 14.34
N LEU B 36 2.32 -19.27 13.40
CA LEU B 36 1.06 -19.92 13.69
C LEU B 36 1.19 -21.01 14.74
N ILE B 37 2.24 -21.81 14.64
CA ILE B 37 2.46 -22.88 15.61
C ILE B 37 2.62 -22.32 17.02
N GLU B 38 3.40 -21.25 17.16
CA GLU B 38 3.61 -20.67 18.48
C GLU B 38 2.35 -19.99 19.00
N LEU B 39 1.59 -19.35 18.12
CA LEU B 39 0.37 -18.69 18.55
C LEU B 39 -0.64 -19.72 19.06
N ILE B 40 -0.88 -20.78 18.28
CA ILE B 40 -1.83 -21.81 18.69
C ILE B 40 -1.38 -22.46 20.01
N ASP B 41 -0.07 -22.66 20.16
CA ASP B 41 0.44 -23.26 21.39
C ASP B 41 0.12 -22.37 22.59
N ARG B 42 0.33 -21.06 22.45
CA ARG B 42 0.04 -20.13 23.54
C ARG B 42 -1.46 -20.07 23.83
N VAL B 43 -2.28 -20.05 22.78
CA VAL B 43 -3.72 -20.01 23.00
C VAL B 43 -4.14 -21.30 23.69
N ASP B 44 -3.55 -22.42 23.28
CA ASP B 44 -3.84 -23.71 23.88
C ASP B 44 -3.57 -23.66 25.39
N ASP B 45 -2.46 -23.03 25.78
CA ASP B 45 -2.15 -22.94 27.20
C ASP B 45 -3.31 -22.34 27.99
N ILE B 46 -3.93 -21.31 27.43
CA ILE B 46 -5.06 -20.66 28.09
C ILE B 46 -6.21 -21.63 28.27
N TYR B 47 -6.63 -22.26 27.19
CA TYR B 47 -7.73 -23.21 27.26
C TYR B 47 -7.45 -24.36 28.22
N ARG B 48 -6.26 -24.96 28.11
CA ARG B 48 -5.89 -26.11 28.95
C ARG B 48 -5.93 -25.83 30.44
N ASN B 49 -5.57 -24.61 30.85
CA ASN B 49 -5.57 -24.24 32.26
C ASN B 49 -6.92 -23.75 32.76
N THR B 50 -7.93 -23.75 31.88
CA THR B 50 -9.25 -23.28 32.28
C THR B 50 -10.12 -24.39 32.85
N ALA B 51 -10.61 -24.20 34.08
CA ALA B 51 -11.48 -25.19 34.70
C ALA B 51 -12.90 -24.75 34.40
N TRP B 52 -13.55 -25.42 33.45
CA TRP B 52 -14.90 -25.06 33.04
C TRP B 52 -15.96 -25.21 34.14
N ASP B 53 -15.57 -25.75 35.28
CA ASP B 53 -16.50 -25.93 36.40
C ASP B 53 -15.90 -25.32 37.67
N ASN B 54 -14.87 -24.49 37.49
CA ASN B 54 -14.19 -23.82 38.60
C ASN B 54 -13.61 -24.82 39.59
N ALA B 55 -13.57 -26.08 39.19
CA ALA B 55 -13.03 -27.13 40.03
C ALA B 55 -11.79 -27.70 39.35
N GLY B 56 -11.89 -28.96 38.94
CA GLY B 56 -10.75 -29.60 38.28
C GLY B 56 -11.08 -30.12 36.90
N PHE B 57 -12.19 -29.66 36.33
CA PHE B 57 -12.58 -30.11 35.00
C PHE B 57 -11.85 -29.27 33.95
N LYS B 58 -10.54 -29.49 33.86
CA LYS B 58 -9.70 -28.75 32.92
C LYS B 58 -9.01 -29.71 31.95
N GLY B 59 -7.99 -29.23 31.25
CA GLY B 59 -7.28 -30.09 30.32
C GLY B 59 -7.82 -30.10 28.90
N TYR B 60 -8.84 -29.29 28.63
CA TYR B 60 -9.39 -29.20 27.28
C TYR B 60 -8.70 -28.09 26.51
N GLY B 61 -8.36 -28.38 25.25
CA GLY B 61 -7.69 -27.38 24.45
C GLY B 61 -7.78 -27.64 22.96
N ILE B 62 -6.81 -27.09 22.24
CA ILE B 62 -6.78 -27.20 20.79
C ILE B 62 -5.45 -27.78 20.34
N GLN B 63 -5.31 -28.00 19.04
CA GLN B 63 -4.09 -28.56 18.49
C GLN B 63 -4.17 -28.48 16.98
N ILE B 64 -3.11 -27.99 16.34
CA ILE B 64 -3.10 -27.91 14.89
C ILE B 64 -3.09 -29.31 14.27
N GLU B 65 -4.05 -29.57 13.41
CA GLU B 65 -4.14 -30.86 12.74
C GLU B 65 -3.37 -30.72 11.44
N GLN B 66 -3.60 -29.62 10.75
CA GLN B 66 -2.93 -29.35 9.49
C GLN B 66 -2.82 -27.86 9.24
N ILE B 67 -1.75 -27.45 8.58
CA ILE B 67 -1.54 -26.05 8.27
C ILE B 67 -1.54 -25.89 6.76
N ARG B 68 -2.29 -24.90 6.28
CA ARG B 68 -2.35 -24.64 4.84
C ARG B 68 -1.91 -23.21 4.58
N ILE B 69 -0.73 -23.08 3.99
CA ILE B 69 -0.20 -21.77 3.67
C ILE B 69 -0.45 -21.50 2.20
N LEU B 70 -1.25 -20.47 1.92
CA LEU B 70 -1.54 -20.09 0.54
C LEU B 70 -0.51 -19.03 0.18
N LYS B 71 0.49 -19.40 -0.61
CA LYS B 71 1.56 -18.47 -0.99
C LYS B 71 1.17 -17.39 -1.99
N SER B 72 0.17 -17.68 -2.81
CA SER B 72 -0.28 -16.69 -3.80
C SER B 72 -1.79 -16.60 -3.82
N PRO B 73 -2.34 -15.48 -4.31
CA PRO B 73 -3.78 -15.29 -4.39
C PRO B 73 -4.43 -16.22 -5.40
N GLN B 74 -5.69 -16.58 -5.15
CA GLN B 74 -6.44 -17.47 -6.03
C GLN B 74 -7.03 -16.71 -7.21
N GLU B 75 -6.71 -17.17 -8.42
CA GLU B 75 -7.24 -16.56 -9.65
C GLU B 75 -8.74 -16.88 -9.68
N VAL B 76 -9.57 -15.86 -9.89
CA VAL B 76 -11.00 -16.07 -9.94
C VAL B 76 -11.60 -15.66 -11.28
N LYS B 77 -12.66 -16.35 -11.70
CA LYS B 77 -13.34 -16.05 -12.95
C LYS B 77 -14.24 -14.83 -12.71
N PRO B 78 -14.60 -14.10 -13.79
CA PRO B 78 -15.46 -12.92 -13.66
C PRO B 78 -16.67 -13.13 -12.75
N GLY B 79 -16.92 -12.15 -11.88
CA GLY B 79 -18.05 -12.23 -10.98
C GLY B 79 -17.96 -13.34 -9.94
N GLU B 80 -16.82 -14.01 -9.89
CA GLU B 80 -16.62 -15.10 -8.94
C GLU B 80 -15.86 -14.57 -7.73
N LYS B 81 -15.90 -15.34 -6.64
CA LYS B 81 -15.22 -14.94 -5.41
C LYS B 81 -14.55 -16.12 -4.72
N HIS B 82 -13.52 -15.81 -3.94
CA HIS B 82 -12.76 -16.79 -3.18
C HIS B 82 -12.07 -15.98 -2.08
N TYR B 83 -12.07 -16.49 -0.86
CA TYR B 83 -11.45 -15.76 0.26
C TYR B 83 -9.99 -15.42 0.05
N ASN B 84 -9.28 -16.20 -0.76
CA ASN B 84 -7.87 -15.94 -1.00
C ASN B 84 -7.61 -15.17 -2.29
N MET B 85 -8.66 -14.60 -2.88
CA MET B 85 -8.48 -13.83 -4.11
C MET B 85 -7.74 -12.54 -3.74
N ALA B 86 -7.11 -11.91 -4.72
CA ALA B 86 -6.34 -10.70 -4.49
C ALA B 86 -7.17 -9.49 -4.08
N LYS B 87 -8.29 -9.28 -4.76
CA LYS B 87 -9.15 -8.15 -4.46
C LYS B 87 -10.01 -8.42 -3.22
N SER B 88 -10.38 -7.34 -2.52
CA SER B 88 -11.22 -7.48 -1.34
C SER B 88 -12.66 -7.24 -1.81
N TYR B 89 -13.63 -7.80 -1.07
CA TYR B 89 -15.03 -7.66 -1.43
C TYR B 89 -15.85 -7.20 -0.22
N PRO B 90 -16.89 -6.39 -0.45
CA PRO B 90 -17.39 -5.87 -1.73
C PRO B 90 -16.59 -4.71 -2.33
N ASN B 91 -16.29 -3.69 -1.52
CA ASN B 91 -15.55 -2.55 -2.02
C ASN B 91 -14.12 -2.95 -2.37
N GLU B 92 -13.92 -3.25 -3.65
CA GLU B 92 -12.62 -3.66 -4.17
C GLU B 92 -11.52 -2.63 -3.91
N GLU B 93 -11.92 -1.38 -3.72
CA GLU B 93 -10.97 -0.30 -3.47
C GLU B 93 -10.44 -0.24 -2.05
N LYS B 94 -11.20 -0.79 -1.11
CA LYS B 94 -10.79 -0.80 0.29
C LYS B 94 -9.80 -1.94 0.59
N ASP B 95 -8.95 -1.73 1.59
CA ASP B 95 -7.94 -2.70 1.98
C ASP B 95 -8.46 -4.06 2.43
N ALA B 96 -9.69 -4.11 2.94
CA ALA B 96 -10.23 -5.38 3.43
C ALA B 96 -11.68 -5.67 3.06
N TRP B 97 -12.05 -6.94 3.20
CA TRP B 97 -13.39 -7.42 2.92
C TRP B 97 -14.35 -6.97 4.00
N ASP B 98 -15.62 -7.32 3.80
CA ASP B 98 -16.63 -7.08 4.81
C ASP B 98 -16.34 -8.31 5.65
N VAL B 99 -15.96 -8.12 6.91
CA VAL B 99 -15.61 -9.27 7.75
C VAL B 99 -16.63 -10.41 7.73
N LYS B 100 -17.92 -10.08 7.80
CA LYS B 100 -18.95 -11.11 7.80
C LYS B 100 -18.98 -11.91 6.51
N MET B 101 -18.88 -11.22 5.37
CA MET B 101 -18.89 -11.91 4.08
C MET B 101 -17.63 -12.76 3.93
N LEU B 102 -16.50 -12.25 4.40
CA LEU B 102 -15.25 -12.98 4.30
C LEU B 102 -15.35 -14.32 5.03
N LEU B 103 -15.92 -14.31 6.23
CA LEU B 103 -16.06 -15.53 7.01
C LEU B 103 -16.97 -16.52 6.30
N GLU B 104 -18.07 -16.02 5.75
CA GLU B 104 -19.00 -16.91 5.04
C GLU B 104 -18.31 -17.47 3.79
N GLN B 105 -17.54 -16.64 3.08
CA GLN B 105 -16.85 -17.09 1.88
C GLN B 105 -15.79 -18.14 2.23
N PHE B 106 -15.03 -17.87 3.29
CA PHE B 106 -14.00 -18.79 3.73
C PHE B 106 -14.63 -20.15 4.01
N SER B 107 -15.74 -20.14 4.75
CA SER B 107 -16.45 -21.37 5.08
C SER B 107 -16.91 -22.11 3.83
N PHE B 108 -17.35 -21.36 2.83
CA PHE B 108 -17.81 -21.94 1.58
C PHE B 108 -16.67 -22.65 0.85
N ASP B 109 -15.58 -21.93 0.66
CA ASP B 109 -14.41 -22.47 -0.05
C ASP B 109 -13.69 -23.62 0.62
N ILE B 110 -13.60 -23.60 1.95
CA ILE B 110 -12.91 -24.64 2.69
C ILE B 110 -13.86 -25.73 3.20
N ALA B 111 -15.10 -25.71 2.72
CA ALA B 111 -16.10 -26.68 3.14
C ALA B 111 -15.64 -28.14 3.14
N GLU B 112 -15.08 -28.61 2.03
CA GLU B 112 -14.63 -30.00 1.95
C GLU B 112 -13.65 -30.36 3.06
N GLU B 113 -12.65 -29.51 3.27
CA GLU B 113 -11.65 -29.75 4.30
C GLU B 113 -12.21 -29.53 5.72
N ALA B 114 -13.07 -28.52 5.87
CA ALA B 114 -13.66 -28.20 7.16
C ALA B 114 -14.52 -29.35 7.67
N SER B 115 -15.04 -30.15 6.74
CA SER B 115 -15.90 -31.28 7.09
C SER B 115 -15.15 -32.38 7.85
N LYS B 116 -13.83 -32.35 7.82
CA LYS B 116 -13.03 -33.38 8.48
C LYS B 116 -12.36 -32.98 9.79
N VAL B 117 -12.48 -31.71 10.17
CA VAL B 117 -11.85 -31.24 11.40
C VAL B 117 -12.81 -30.59 12.39
N CYS B 118 -12.41 -30.60 13.66
CA CYS B 118 -13.21 -29.99 14.72
C CYS B 118 -13.46 -28.52 14.36
N LEU B 119 -12.40 -27.80 13.99
CA LEU B 119 -12.51 -26.39 13.63
C LEU B 119 -11.53 -25.99 12.53
N ALA B 120 -11.93 -24.99 11.74
CA ALA B 120 -11.08 -24.45 10.69
C ALA B 120 -10.95 -22.98 11.05
N HIS B 121 -9.75 -22.43 10.97
CA HIS B 121 -9.53 -21.02 11.30
C HIS B 121 -8.68 -20.34 10.24
N LEU B 122 -9.13 -19.16 9.82
CA LEU B 122 -8.43 -18.38 8.81
C LEU B 122 -7.61 -17.27 9.45
N PHE B 123 -6.33 -17.18 9.05
CA PHE B 123 -5.44 -16.12 9.53
C PHE B 123 -5.15 -15.27 8.30
N THR B 124 -5.49 -14.00 8.38
CA THR B 124 -5.29 -13.09 7.26
C THR B 124 -4.67 -11.79 7.75
N TYR B 125 -4.46 -10.85 6.84
CA TYR B 125 -3.87 -9.58 7.18
C TYR B 125 -4.56 -8.45 6.42
N GLN B 126 -5.69 -7.97 6.93
CA GLN B 126 -6.42 -6.88 6.30
C GLN B 126 -7.05 -5.99 7.37
N ASP B 127 -7.17 -4.69 7.06
CA ASP B 127 -7.72 -3.72 7.99
C ASP B 127 -9.24 -3.58 7.94
N PHE B 128 -9.94 -4.48 8.61
CA PHE B 128 -11.41 -4.44 8.64
C PHE B 128 -11.84 -3.08 9.19
N ASP B 129 -13.03 -2.62 8.80
CA ASP B 129 -13.52 -1.33 9.27
C ASP B 129 -13.93 -1.36 10.74
N MET B 130 -13.98 -0.18 11.35
CA MET B 130 -14.38 -0.03 12.74
C MET B 130 -13.50 -0.75 13.77
N GLY B 131 -12.28 -1.10 13.38
CA GLY B 131 -11.39 -1.77 14.31
C GLY B 131 -11.68 -3.23 14.62
N THR B 132 -12.42 -3.91 13.74
CA THR B 132 -12.75 -5.32 13.93
C THR B 132 -11.50 -6.16 13.71
N LEU B 133 -11.27 -7.11 14.61
CA LEU B 133 -10.08 -7.96 14.54
C LEU B 133 -10.37 -9.40 14.15
N GLY B 134 -11.57 -9.89 14.46
CA GLY B 134 -11.89 -11.26 14.12
C GLY B 134 -13.37 -11.54 14.17
N LEU B 135 -13.75 -12.76 13.80
CA LEU B 135 -15.14 -13.17 13.77
C LEU B 135 -15.21 -14.71 13.79
N ALA B 136 -16.27 -15.25 14.38
CA ALA B 136 -16.43 -16.70 14.46
C ALA B 136 -17.87 -17.08 14.78
N TYR B 137 -18.27 -18.28 14.35
CA TYR B 137 -19.62 -18.80 14.58
C TYR B 137 -19.68 -19.60 15.88
N GLY B 138 -20.86 -19.63 16.49
CA GLY B 138 -21.01 -20.39 17.71
C GLY B 138 -21.68 -19.67 18.86
N GLY B 139 -21.62 -18.34 18.85
CA GLY B 139 -22.23 -17.55 19.90
C GLY B 139 -23.20 -16.47 19.43
N SER B 140 -23.72 -16.61 18.22
CA SER B 140 -24.67 -15.65 17.67
C SER B 140 -25.82 -16.38 16.96
N PRO B 141 -27.06 -15.86 17.09
CA PRO B 141 -27.45 -14.65 17.83
C PRO B 141 -27.46 -14.83 19.34
N ARG B 142 -27.07 -16.01 19.81
CA ARG B 142 -27.04 -16.28 21.24
C ARG B 142 -25.98 -17.35 21.53
N ALA B 143 -25.72 -17.56 22.81
CA ALA B 143 -24.74 -18.56 23.21
C ALA B 143 -25.14 -19.92 22.66
N ASN B 144 -24.15 -20.78 22.44
CA ASN B 144 -24.37 -22.13 21.93
C ASN B 144 -25.36 -22.16 20.77
N SER B 145 -25.15 -21.30 19.78
CA SER B 145 -26.04 -21.26 18.62
C SER B 145 -25.47 -22.08 17.45
N HIS B 146 -25.82 -21.70 16.22
CA HIS B 146 -25.34 -22.41 15.03
C HIS B 146 -23.82 -22.38 14.83
N GLY B 147 -23.27 -23.52 14.44
CA GLY B 147 -21.84 -23.60 14.21
C GLY B 147 -20.99 -23.86 15.42
N GLY B 148 -19.70 -23.52 15.31
CA GLY B 148 -18.81 -23.76 16.43
C GLY B 148 -18.13 -25.10 16.24
N VAL B 149 -17.54 -25.64 17.30
CA VAL B 149 -16.83 -26.91 17.22
C VAL B 149 -17.63 -28.08 16.65
N CYS B 150 -16.94 -28.92 15.88
CA CYS B 150 -17.51 -30.12 15.27
C CYS B 150 -18.28 -29.83 13.98
N PRO B 151 -17.95 -30.55 12.91
CA PRO B 151 -18.58 -30.41 11.60
C PRO B 151 -20.05 -30.76 11.62
N LYS B 152 -20.89 -29.85 11.13
CA LYS B 152 -22.33 -30.07 11.04
C LYS B 152 -22.74 -29.36 9.77
N ALA B 153 -23.20 -30.13 8.78
CA ALA B 153 -23.56 -29.57 7.49
C ALA B 153 -24.75 -28.62 7.52
N TYR B 154 -24.62 -27.53 6.78
CA TYR B 154 -25.67 -26.53 6.65
C TYR B 154 -25.74 -26.22 5.16
N TYR B 155 -26.86 -26.58 4.53
CA TYR B 155 -26.99 -26.33 3.12
C TYR B 155 -27.07 -24.85 2.78
N SER B 156 -26.25 -24.43 1.83
CA SER B 156 -26.20 -23.04 1.38
C SER B 156 -26.90 -22.97 0.03
N PRO B 157 -28.12 -22.40 -0.01
CA PRO B 157 -28.87 -22.27 -1.27
C PRO B 157 -28.09 -21.55 -2.37
N VAL B 158 -27.35 -20.51 -1.99
CA VAL B 158 -26.54 -19.76 -2.95
C VAL B 158 -25.34 -20.59 -3.41
N GLY B 159 -24.64 -21.18 -2.45
CA GLY B 159 -23.47 -21.99 -2.78
C GLY B 159 -23.86 -23.31 -3.41
N LYS B 160 -25.16 -23.59 -3.43
CA LYS B 160 -25.68 -24.82 -4.02
C LYS B 160 -24.96 -26.06 -3.50
N LYS B 161 -24.48 -25.99 -2.26
CA LYS B 161 -23.80 -27.12 -1.63
C LYS B 161 -23.78 -26.96 -0.12
N ASN B 162 -23.36 -28.01 0.58
CA ASN B 162 -23.28 -27.95 2.03
C ASN B 162 -22.00 -27.24 2.47
N ILE B 163 -22.12 -26.42 3.52
CA ILE B 163 -20.97 -25.73 4.07
C ILE B 163 -20.96 -26.03 5.57
N TYR B 164 -19.89 -25.66 6.25
CA TYR B 164 -19.81 -25.93 7.67
C TYR B 164 -19.53 -24.64 8.43
N LEU B 165 -20.18 -24.50 9.59
CA LEU B 165 -20.02 -23.30 10.42
C LEU B 165 -19.03 -23.49 11.57
N ASN B 166 -18.15 -24.49 11.44
CA ASN B 166 -17.13 -24.76 12.46
C ASN B 166 -15.89 -23.96 12.06
N SER B 167 -16.05 -22.65 11.91
CA SER B 167 -14.96 -21.78 11.49
C SER B 167 -14.91 -20.41 12.16
N GLY B 168 -13.82 -19.70 11.89
CA GLY B 168 -13.60 -18.38 12.43
C GLY B 168 -12.35 -17.81 11.76
N LEU B 169 -12.09 -16.51 11.95
CA LEU B 169 -10.91 -15.90 11.36
C LEU B 169 -10.28 -14.84 12.25
N THR B 170 -8.98 -14.61 12.05
CA THR B 170 -8.24 -13.63 12.82
C THR B 170 -7.39 -12.79 11.87
N SER B 171 -7.38 -11.48 12.09
CA SER B 171 -6.58 -10.57 11.28
C SER B 171 -5.59 -9.90 12.22
N THR B 172 -4.32 -9.82 11.81
CA THR B 172 -3.30 -9.20 12.65
C THR B 172 -2.96 -7.79 12.21
N LYS B 173 -3.87 -7.19 11.44
CA LYS B 173 -3.69 -5.83 10.96
C LYS B 173 -4.86 -4.99 11.45
N ASN B 174 -4.57 -3.82 12.02
CA ASN B 174 -5.62 -2.94 12.51
C ASN B 174 -5.13 -1.49 12.50
N TYR B 175 -5.96 -0.60 11.95
CA TYR B 175 -5.62 0.82 11.87
C TYR B 175 -4.27 1.08 11.23
N GLY B 176 -4.03 0.45 10.08
CA GLY B 176 -2.79 0.64 9.36
C GLY B 176 -1.51 0.03 9.92
N LYS B 177 -1.60 -0.71 11.01
CA LYS B 177 -0.40 -1.31 11.61
C LYS B 177 -0.61 -2.74 12.07
N THR B 178 0.48 -3.52 12.09
CA THR B 178 0.43 -4.90 12.54
C THR B 178 0.17 -4.83 14.05
N ILE B 179 -0.76 -5.64 14.56
CA ILE B 179 -1.05 -5.62 15.99
C ILE B 179 0.03 -6.42 16.74
N LEU B 180 0.13 -6.19 18.04
CA LEU B 180 1.10 -6.89 18.88
C LEU B 180 0.78 -8.38 18.95
N THR B 181 1.82 -9.21 19.04
CA THR B 181 1.61 -10.64 19.11
C THR B 181 0.72 -11.01 20.31
N LYS B 182 0.81 -10.25 21.40
CA LYS B 182 -0.02 -10.54 22.57
C LYS B 182 -1.50 -10.21 22.30
N GLU B 183 -1.75 -9.23 21.43
CA GLU B 183 -3.12 -8.86 21.07
C GLU B 183 -3.71 -9.93 20.15
N ALA B 184 -2.88 -10.44 19.25
CA ALA B 184 -3.29 -11.48 18.32
C ALA B 184 -3.73 -12.72 19.11
N ASP B 185 -2.93 -13.08 20.12
CA ASP B 185 -3.25 -14.24 20.95
C ASP B 185 -4.65 -14.11 21.54
N LEU B 186 -4.96 -12.91 22.04
CA LEU B 186 -6.27 -12.62 22.62
C LEU B 186 -7.42 -12.72 21.61
N VAL B 187 -7.23 -12.16 20.42
CA VAL B 187 -8.25 -12.19 19.38
C VAL B 187 -8.62 -13.62 19.01
N THR B 188 -7.60 -14.43 18.74
CA THR B 188 -7.81 -15.83 18.37
C THR B 188 -8.44 -16.61 19.52
N THR B 189 -8.04 -16.31 20.75
CA THR B 189 -8.61 -16.97 21.91
C THR B 189 -10.11 -16.62 21.97
N HIS B 190 -10.40 -15.34 21.76
CA HIS B 190 -11.77 -14.81 21.77
C HIS B 190 -12.63 -15.47 20.68
N GLU B 191 -12.12 -15.50 19.45
CA GLU B 191 -12.87 -16.11 18.35
C GLU B 191 -13.11 -17.62 18.59
N LEU B 192 -12.08 -18.33 19.06
CA LEU B 192 -12.25 -19.75 19.37
C LEU B 192 -13.25 -19.88 20.53
N GLY B 193 -13.37 -18.83 21.34
CA GLY B 193 -14.29 -18.84 22.46
C GLY B 193 -15.71 -18.92 21.92
N HIS B 194 -16.01 -18.16 20.86
CA HIS B 194 -17.33 -18.19 20.25
C HIS B 194 -17.53 -19.59 19.67
N ASN B 195 -16.50 -20.11 19.00
CA ASN B 195 -16.55 -21.46 18.42
C ASN B 195 -16.92 -22.46 19.51
N PHE B 196 -16.33 -22.30 20.70
CA PHE B 196 -16.62 -23.20 21.80
C PHE B 196 -17.99 -22.93 22.42
N GLY B 197 -18.74 -22.00 21.83
CA GLY B 197 -20.09 -21.70 22.32
C GLY B 197 -20.30 -20.43 23.13
N ALA B 198 -19.22 -19.77 23.53
CA ALA B 198 -19.34 -18.56 24.33
C ALA B 198 -19.85 -17.33 23.59
N GLU B 199 -20.66 -16.53 24.29
CA GLU B 199 -21.15 -15.28 23.74
C GLU B 199 -20.36 -14.24 24.52
N HIS B 200 -20.53 -12.96 24.20
CA HIS B 200 -19.80 -11.90 24.88
C HIS B 200 -20.17 -11.71 26.34
N ASP B 201 -19.20 -11.29 27.15
CA ASP B 201 -19.43 -10.99 28.56
C ASP B 201 -20.20 -9.67 28.60
N PRO B 202 -20.88 -9.38 29.72
CA PRO B 202 -21.65 -8.13 29.88
C PRO B 202 -20.68 -6.95 29.90
N ASP B 203 -21.09 -5.80 29.38
CA ASP B 203 -20.22 -4.62 29.38
C ASP B 203 -20.29 -3.90 30.72
N GLY B 204 -19.31 -3.03 30.98
CA GLY B 204 -19.29 -2.27 32.22
C GLY B 204 -18.72 -3.04 33.40
N LEU B 205 -19.48 -3.09 34.49
CA LEU B 205 -19.06 -3.78 35.70
C LEU B 205 -20.08 -4.85 36.07
N ALA B 206 -19.59 -6.07 36.25
CA ALA B 206 -20.42 -7.20 36.62
C ALA B 206 -19.51 -8.35 37.03
N GLU B 207 -20.08 -9.40 37.59
CA GLU B 207 -19.28 -10.56 38.00
C GLU B 207 -18.40 -11.03 36.85
N CYS B 208 -18.95 -11.02 35.64
CA CYS B 208 -18.21 -11.47 34.48
C CYS B 208 -17.47 -10.34 33.76
N ALA B 209 -17.30 -9.21 34.46
CA ALA B 209 -16.60 -8.06 33.93
C ALA B 209 -16.08 -7.22 35.09
N PRO B 210 -15.12 -7.77 35.87
CA PRO B 210 -14.50 -7.10 37.03
C PRO B 210 -13.79 -5.80 36.68
N ASN B 211 -13.55 -4.98 37.69
CA ASN B 211 -12.82 -3.73 37.49
C ASN B 211 -11.33 -4.03 37.48
N GLU B 212 -10.53 -3.02 37.20
CA GLU B 212 -9.09 -3.15 37.15
C GLU B 212 -8.56 -3.84 38.41
N ASP B 213 -9.07 -3.41 39.56
CA ASP B 213 -8.68 -3.98 40.84
C ASP B 213 -8.78 -5.50 40.91
N GLN B 214 -9.79 -6.05 40.25
CA GLN B 214 -10.00 -7.49 40.26
C GLN B 214 -9.26 -8.18 39.12
N GLY B 215 -8.59 -7.39 38.29
CA GLY B 215 -7.85 -7.97 37.17
C GLY B 215 -8.26 -7.53 35.79
N GLY B 216 -9.29 -6.71 35.67
CA GLY B 216 -9.73 -6.25 34.37
C GLY B 216 -10.78 -7.16 33.74
N LYS B 217 -11.08 -6.92 32.47
CA LYS B 217 -12.08 -7.71 31.77
C LYS B 217 -11.56 -9.09 31.32
N TYR B 218 -12.48 -10.01 31.07
CA TYR B 218 -12.09 -11.34 30.60
C TYR B 218 -12.01 -11.34 29.09
N VAL B 219 -11.48 -12.41 28.52
CA VAL B 219 -11.26 -12.55 27.08
C VAL B 219 -12.48 -12.39 26.18
N MET B 220 -13.67 -12.73 26.66
CA MET B 220 -14.87 -12.59 25.83
C MET B 220 -15.53 -11.22 25.99
N TYR B 221 -14.79 -10.25 26.50
CA TYR B 221 -15.35 -8.90 26.66
C TYR B 221 -15.63 -8.44 25.21
N PRO B 222 -16.79 -7.81 24.98
CA PRO B 222 -17.18 -7.32 23.65
C PRO B 222 -16.24 -6.29 23.02
N ILE B 223 -15.43 -5.66 23.85
CA ILE B 223 -14.50 -4.65 23.37
C ILE B 223 -13.10 -4.99 23.83
N ALA B 224 -12.12 -4.63 23.01
CA ALA B 224 -10.72 -4.89 23.36
C ALA B 224 -10.22 -3.64 24.07
N VAL B 225 -10.45 -3.58 25.38
N VAL B 225 -10.26 -3.65 25.41
CA VAL B 225 -10.08 -2.43 26.20
CA VAL B 225 -9.78 -2.50 26.16
C VAL B 225 -8.59 -2.25 26.42
C VAL B 225 -8.25 -2.38 25.99
N SER B 226 -8.15 -0.99 26.35
N SER B 226 -7.56 -3.51 25.81
CA SER B 226 -6.74 -0.68 26.56
CA SER B 226 -6.12 -3.47 25.65
C SER B 226 -6.33 -1.25 27.90
C SER B 226 -5.39 -4.79 25.51
N GLY B 227 -5.03 -1.35 28.12
N GLY B 227 -5.38 -5.56 26.60
CA GLY B 227 -4.54 -1.94 29.35
CA GLY B 227 -4.64 -6.79 26.60
C GLY B 227 -4.32 -3.39 28.99
C GLY B 227 -3.51 -6.40 27.52
N ASP B 228 -3.47 -4.07 29.74
N ASP B 228 -3.89 -5.78 28.63
CA ASP B 228 -3.19 -5.48 29.48
CA ASP B 228 -2.96 -5.26 29.64
C ASP B 228 -3.24 -6.17 30.81
C ASP B 228 -3.22 -5.78 31.04
N HIS B 229 -4.45 -6.19 31.32
CA HIS B 229 -4.78 -6.74 32.63
C HIS B 229 -4.86 -8.25 32.71
N GLU B 230 -4.50 -8.75 33.88
CA GLU B 230 -4.48 -10.18 34.18
C GLU B 230 -5.66 -11.00 33.63
N ASN B 231 -6.88 -10.51 33.80
CA ASN B 231 -8.05 -11.25 33.34
C ASN B 231 -8.20 -11.33 31.81
N ASN B 232 -7.55 -10.44 31.08
CA ASN B 232 -7.67 -10.41 29.62
C ASN B 232 -7.41 -11.76 28.95
N LYS B 233 -6.56 -12.58 29.57
CA LYS B 233 -6.23 -13.90 29.03
C LYS B 233 -7.08 -15.03 29.61
N MET B 234 -8.06 -14.68 30.44
CA MET B 234 -8.89 -15.70 31.05
C MET B 234 -10.35 -15.60 30.64
N PHE B 235 -11.06 -16.69 30.86
CA PHE B 235 -12.48 -16.78 30.56
C PHE B 235 -13.26 -16.46 31.83
N SER B 236 -14.36 -15.75 31.67
CA SER B 236 -15.21 -15.38 32.80
C SER B 236 -16.06 -16.57 33.20
N GLN B 237 -16.79 -16.43 34.31
CA GLN B 237 -17.68 -17.49 34.78
C GLN B 237 -18.80 -17.67 33.75
N CYS B 238 -19.23 -16.58 33.14
CA CYS B 238 -20.28 -16.63 32.12
C CYS B 238 -19.83 -17.44 30.89
N SER B 239 -18.58 -17.24 30.46
CA SER B 239 -18.05 -17.97 29.31
C SER B 239 -17.88 -19.45 29.67
N LYS B 240 -17.49 -19.72 30.91
CA LYS B 240 -17.30 -21.09 31.36
C LYS B 240 -18.63 -21.87 31.36
N GLN B 241 -19.70 -21.22 31.80
CA GLN B 241 -21.00 -21.88 31.83
C GLN B 241 -21.45 -22.26 30.43
N SER B 242 -21.35 -21.31 29.50
CA SER B 242 -21.75 -21.58 28.12
C SER B 242 -20.88 -22.68 27.52
N ILE B 243 -19.57 -22.51 27.64
CA ILE B 243 -18.62 -23.46 27.10
C ILE B 243 -18.72 -24.84 27.74
N TYR B 244 -18.97 -24.87 29.05
CA TYR B 244 -19.10 -26.16 29.72
C TYR B 244 -20.23 -26.97 29.07
N LYS B 245 -21.30 -26.29 28.67
CA LYS B 245 -22.43 -26.96 28.01
C LYS B 245 -21.93 -27.62 26.73
N THR B 246 -21.25 -26.82 25.91
CA THR B 246 -20.68 -27.30 24.65
C THR B 246 -19.81 -28.54 24.86
N ILE B 247 -18.82 -28.39 25.72
CA ILE B 247 -17.88 -29.48 26.01
C ILE B 247 -18.54 -30.77 26.46
N GLU B 248 -19.56 -30.66 27.30
CA GLU B 248 -20.24 -31.85 27.81
C GLU B 248 -21.14 -32.56 26.79
N SER B 249 -21.30 -31.99 25.60
CA SER B 249 -22.14 -32.61 24.59
C SER B 249 -21.59 -32.50 23.17
N LYS B 250 -20.32 -32.12 23.06
CA LYS B 250 -19.68 -31.97 21.75
C LYS B 250 -18.29 -32.59 21.72
N ALA B 251 -17.71 -32.82 22.89
CA ALA B 251 -16.38 -33.41 22.96
C ALA B 251 -16.48 -34.86 22.48
N GLN B 252 -17.50 -35.56 22.95
CA GLN B 252 -17.72 -36.95 22.57
C GLN B 252 -17.96 -37.02 21.07
N GLU B 253 -18.54 -35.95 20.53
CA GLU B 253 -18.85 -35.86 19.12
C GLU B 253 -17.64 -35.72 18.19
N CYS B 254 -16.70 -34.84 18.51
CA CYS B 254 -15.53 -34.67 17.63
C CYS B 254 -14.20 -34.36 18.30
N PHE B 255 -14.18 -34.25 19.63
CA PHE B 255 -12.93 -33.97 20.31
C PHE B 255 -12.12 -35.25 20.36
N GLN B 256 -10.80 -35.13 20.22
CA GLN B 256 -9.91 -36.30 20.22
C GLN B 256 -8.83 -36.20 21.29
N GLU B 257 -7.97 -37.21 21.32
CA GLU B 257 -6.85 -37.25 22.25
C GLU B 257 -5.79 -36.42 21.55
N ARG B 258 -4.84 -35.87 22.29
CA ARG B 258 -3.77 -35.08 21.66
C ARG B 258 -3.04 -35.99 20.70
N SER B 259 -2.97 -37.27 21.06
CA SER B 259 -2.28 -38.28 20.26
C SER B 259 -3.22 -39.19 19.46
N ASN B 260 -4.12 -38.59 18.70
CA ASN B 260 -5.06 -39.36 17.89
C ASN B 260 -4.50 -39.57 16.48
ZN ZN C . 3.58 23.25 -13.46
C20 541 D . 8.75 27.36 -3.51
C1 541 D . 7.52 26.89 -2.96
C2 541 D . 6.68 26.01 -3.69
C3 541 D . 7.06 25.60 -5.02
C21 541 D . 8.28 26.06 -5.60
C22 541 D . 9.14 26.96 -4.82
N1 541 D . 10.33 27.41 -5.40
C4 541 D . 11.98 27.54 -7.21
C5 541 D . 10.71 27.03 -6.66
C6 541 D . 9.90 26.17 -7.44
C7 541 D . 8.68 25.66 -6.91
C8 541 D . 7.76 24.72 -7.73
C9 541 D . 7.68 25.57 -10.00
O2 541 D . 8.19 24.60 -9.12
C10 541 D . 8.19 25.60 -11.33
C11 541 D . 7.73 26.57 -12.27
C12 541 D . 6.74 27.53 -11.87
C13 541 D . 6.23 27.51 -10.54
C14 541 D . 6.70 26.53 -9.61
C15 541 D . 4.68 28.74 -12.78
C16 541 D . 6.23 28.55 -12.88
C17 541 D . 7.02 29.85 -12.77
C18 541 D . 6.45 28.01 -14.29
O3 541 D . 7.50 28.03 -14.91
C19 541 D . 4.09 28.04 -14.02
C23 541 D . 5.17 26.51 -15.72
C24 541 D . 4.79 25.21 -15.06
N2 541 D . 5.50 24.16 -15.46
O1 541 D . 5.24 22.93 -14.91
O4 541 D . 3.88 25.17 -14.22
C25 541 D . 4.13 26.92 -16.77
N3 541 D . 5.27 27.55 -14.73
ZN ZN E . -16.70 -11.62 19.68
C20 541 F . -8.48 -6.73 26.38
C1 541 F . -9.45 -7.09 27.36
C2 541 F . -10.44 -8.07 27.07
C3 541 F . -10.47 -8.71 25.80
C21 541 F . -9.52 -8.38 24.80
C22 541 F . -8.49 -7.36 25.10
N1 541 F . -7.57 -7.03 24.12
C4 541 F . -6.56 -7.25 21.89
C5 541 F . -7.57 -7.63 22.88
C6 541 F . -8.55 -8.62 22.54
C7 541 F . -9.54 -9.00 23.51
C8 541 F . -10.63 -10.07 23.21
C9 541 F . -11.45 -9.50 20.98
O2 541 F . -10.74 -10.41 21.80
C10 541 F . -11.54 -9.78 19.58
C11 541 F . -12.22 -8.88 18.71
C12 541 F . -12.84 -7.69 19.23
C13 541 F . -12.74 -7.42 20.62
C14 541 F . -12.07 -8.32 21.50
C15 541 F . -14.90 -6.24 18.99
C16 541 F . -13.59 -6.76 18.32
C17 541 F . -12.68 -5.67 17.82
C18 541 F . -14.11 -7.54 17.08
O3 541 F . -13.43 -7.89 16.14
C19 541 F . -16.08 -6.91 18.25
C23 541 F . -16.16 -8.75 16.51
C24 541 F . -16.31 -9.95 17.42
N2 541 F . -15.69 -11.06 16.96
O1 541 F . -15.75 -12.22 17.73
O4 541 F . -16.92 -9.87 18.49
C25 541 F . -17.54 -8.20 16.08
N3 541 F . -15.43 -7.72 17.23
#